data_8CGE
#
_entry.id   8CGE
#
_cell.length_a   97.496
_cell.length_b   81.817
_cell.length_c   111.045
_cell.angle_alpha   90.000
_cell.angle_beta   111.140
_cell.angle_gamma   90.000
#
_symmetry.space_group_name_H-M   'I 1 2 1'
#
loop_
_entity.id
_entity.type
_entity.pdbx_description
1 polymer 'Single Chain Fv 2A2'
2 non-polymer 'COBALT (II) ION'
3 non-polymer 'SULFATE ION'
4 non-polymer '3-CYCLOHEXYL-1-PROPYLSULFONIC ACID'
5 water water
#
_entity_poly.entity_id   1
_entity_poly.type   'polypeptide(L)'
_entity_poly.pdbx_seq_one_letter_code
;MKLCILLAVVAFVGLSLGQVQLQQSDAELVKPGASVKISCKVSGYTFTDHTIHWMKQRPEQGLEWIGYNYPRDGSTKYNE
KFKGKATLTADKSSSTAYMQLNSLTSEDSAVYFCAKGFITTVVPSAYWGQGTLVTVSAGGGGSGGGGSGGGGSGGGGSDV
QITQSPSYLAASPGETITINCRASKSISKYLAWYQEKPGKTNKLLIYSGSTLQSGIPSRFSGSGSGTDFTLTISSLEPED
FAMYYCQQHNEYPWTFGGGTKLEIKLPETGHHHHHHWSHPQFEKGGGSGGGSGGGSWSHPQFEK
;
_entity_poly.pdbx_strand_id   A,B
#
# COMPACT_ATOMS: atom_id res chain seq x y z
N GLN A 19 -25.77 13.49 -20.05
CA GLN A 19 -26.86 14.05 -19.26
C GLN A 19 -27.75 12.93 -18.68
N VAL A 20 -27.16 12.03 -17.90
CA VAL A 20 -27.88 11.01 -17.16
C VAL A 20 -28.01 11.43 -15.69
N GLN A 21 -29.24 11.44 -15.18
CA GLN A 21 -29.49 11.61 -13.76
C GLN A 21 -30.14 10.37 -13.15
N LEU A 22 -29.63 9.98 -11.98
CA LEU A 22 -30.39 9.15 -11.06
C LEU A 22 -30.58 10.03 -9.84
N GLN A 23 -31.76 10.62 -9.74
CA GLN A 23 -32.09 11.63 -8.74
C GLN A 23 -32.73 10.95 -7.53
N GLN A 24 -32.03 10.95 -6.41
CA GLN A 24 -32.49 10.25 -5.22
C GLN A 24 -33.14 11.20 -4.22
N SER A 25 -34.09 10.66 -3.46
CA SER A 25 -34.84 11.44 -2.50
C SER A 25 -33.97 11.85 -1.32
N ASP A 26 -34.48 12.82 -0.55
CA ASP A 26 -33.75 13.44 0.55
C ASP A 26 -33.58 12.51 1.76
N ALA A 27 -32.62 12.87 2.60
CA ALA A 27 -32.28 12.07 3.77
C ALA A 27 -33.51 11.86 4.65
N GLU A 28 -33.55 10.69 5.28
CA GLU A 28 -34.65 10.33 6.17
C GLU A 28 -34.12 10.23 7.59
N LEU A 29 -34.94 10.70 8.52
CA LEU A 29 -34.63 10.62 9.95
C LEU A 29 -35.91 10.06 10.56
N VAL A 30 -35.90 8.76 10.85
CA VAL A 30 -37.09 8.05 11.26
C VAL A 30 -36.83 7.30 12.56
N LYS A 31 -37.95 6.96 13.25
CA LYS A 31 -37.85 6.23 14.49
C LYS A 31 -37.80 4.73 14.21
N PRO A 32 -37.19 3.97 15.11
CA PRO A 32 -37.11 2.52 14.91
C PRO A 32 -38.50 1.91 14.83
N GLY A 33 -38.66 0.94 13.93
CA GLY A 33 -39.93 0.31 13.70
C GLY A 33 -40.72 0.91 12.57
N ALA A 34 -40.32 2.08 12.07
CA ALA A 34 -41.01 2.70 10.96
C ALA A 34 -40.52 2.13 9.63
N SER A 35 -41.17 2.57 8.55
CA SER A 35 -40.78 2.33 7.17
C SER A 35 -40.36 3.63 6.50
N VAL A 36 -39.56 3.51 5.44
CA VAL A 36 -39.29 4.60 4.51
C VAL A 36 -39.37 4.07 3.10
N LYS A 37 -39.89 4.89 2.19
CA LYS A 37 -39.87 4.61 0.77
C LYS A 37 -39.01 5.68 0.12
N ILE A 38 -37.79 5.29 -0.32
CA ILE A 38 -36.89 6.21 -0.99
C ILE A 38 -37.00 6.00 -2.49
N SER A 39 -36.72 7.06 -3.25
CA SER A 39 -37.01 7.06 -4.68
C SER A 39 -35.75 7.34 -5.50
N CYS A 40 -35.87 7.02 -6.79
CA CYS A 40 -34.76 7.12 -7.72
C CYS A 40 -35.38 7.51 -9.05
N LYS A 41 -35.25 8.79 -9.40
CA LYS A 41 -35.86 9.32 -10.61
C LYS A 41 -34.80 9.34 -11.70
N VAL A 42 -35.03 8.60 -12.78
CA VAL A 42 -34.01 8.46 -13.81
C VAL A 42 -34.39 9.34 -15.00
N SER A 43 -33.37 9.89 -15.65
CA SER A 43 -33.54 10.63 -16.88
C SER A 43 -32.28 10.46 -17.71
N GLY A 44 -32.44 10.46 -19.03
CA GLY A 44 -31.32 10.40 -19.95
C GLY A 44 -31.10 9.07 -20.64
N TYR A 45 -31.88 8.04 -20.31
CA TYR A 45 -31.90 6.77 -21.04
C TYR A 45 -33.27 6.16 -20.84
N THR A 46 -33.56 5.09 -21.58
CA THR A 46 -34.88 4.48 -21.52
C THR A 46 -35.03 3.71 -20.21
N PHE A 47 -35.95 4.19 -19.37
CA PHE A 47 -36.08 3.64 -18.02
C PHE A 47 -36.41 2.16 -18.06
N THR A 48 -37.40 1.76 -18.86
CA THR A 48 -37.88 0.38 -18.82
C THR A 48 -36.96 -0.58 -19.56
N ASP A 49 -35.95 -0.07 -20.24
CA ASP A 49 -34.99 -0.86 -20.98
C ASP A 49 -33.83 -1.32 -20.09
N HIS A 50 -33.85 -0.99 -18.81
CA HIS A 50 -32.72 -1.26 -17.94
C HIS A 50 -33.24 -1.60 -16.55
N THR A 51 -32.47 -2.39 -15.81
CA THR A 51 -32.76 -2.63 -14.41
C THR A 51 -32.32 -1.44 -13.55
N ILE A 52 -32.80 -1.40 -12.31
CA ILE A 52 -32.29 -0.54 -11.26
C ILE A 52 -31.72 -1.45 -10.18
N HIS A 53 -30.45 -1.25 -9.84
CA HIS A 53 -29.81 -1.94 -8.73
C HIS A 53 -29.81 -1.03 -7.51
N TRP A 54 -29.91 -1.64 -6.32
CA TRP A 54 -29.88 -0.91 -5.05
C TRP A 54 -28.78 -1.45 -4.15
N MET A 55 -28.04 -0.54 -3.52
CA MET A 55 -26.90 -0.85 -2.66
C MET A 55 -27.05 -0.14 -1.31
N LYS A 56 -26.47 -0.77 -0.29
CA LYS A 56 -26.44 -0.18 1.04
C LYS A 56 -24.98 0.06 1.42
N GLN A 57 -24.68 1.22 2.02
CA GLN A 57 -23.32 1.50 2.46
C GLN A 57 -23.33 2.10 3.86
N ARG A 58 -22.50 1.54 4.74
CA ARG A 58 -22.47 2.45 5.87
C ARG A 58 -21.22 3.33 5.73
N PRO A 59 -21.30 4.61 6.09
CA PRO A 59 -20.36 5.61 5.53
C PRO A 59 -18.90 5.27 5.76
N GLU A 60 -18.12 5.32 4.67
CA GLU A 60 -16.70 5.01 4.65
C GLU A 60 -16.47 3.50 4.67
N GLN A 61 -17.44 2.73 5.17
CA GLN A 61 -17.28 1.31 5.43
C GLN A 61 -17.79 0.45 4.27
N GLY A 62 -18.35 -0.73 4.58
CA GLY A 62 -18.66 -1.72 3.54
C GLY A 62 -19.93 -1.48 2.75
N LEU A 63 -19.83 -1.75 1.44
CA LEU A 63 -20.92 -1.63 0.46
C LEU A 63 -21.55 -3.00 0.26
N GLU A 64 -22.88 -3.04 0.19
CA GLU A 64 -23.57 -4.29 -0.10
C GLU A 64 -24.63 -4.10 -1.19
N TRP A 65 -24.88 -5.18 -1.92
CA TRP A 65 -25.86 -5.20 -3.01
C TRP A 65 -27.18 -5.72 -2.45
N ILE A 66 -28.23 -4.91 -2.59
CA ILE A 66 -29.56 -5.25 -2.07
C ILE A 66 -30.38 -6.07 -3.06
N GLY A 67 -30.37 -5.68 -4.32
CA GLY A 67 -31.17 -6.36 -5.33
C GLY A 67 -31.40 -5.46 -6.54
N TYR A 68 -32.12 -6.02 -7.51
CA TYR A 68 -32.48 -5.22 -8.68
C TYR A 68 -33.96 -5.39 -8.99
N ASN A 69 -34.49 -4.39 -9.71
CA ASN A 69 -35.87 -4.37 -10.17
C ASN A 69 -35.84 -4.05 -11.68
N TYR A 70 -36.60 -4.82 -12.46
CA TYR A 70 -36.75 -4.53 -13.88
C TYR A 70 -38.10 -3.88 -14.12
N PRO A 71 -38.15 -2.60 -14.49
CA PRO A 71 -39.46 -1.91 -14.55
C PRO A 71 -40.44 -2.47 -15.58
N ARG A 72 -39.97 -2.94 -16.73
CA ARG A 72 -40.92 -3.29 -17.79
C ARG A 72 -41.92 -4.34 -17.32
N ASP A 73 -41.44 -5.37 -16.62
CA ASP A 73 -42.30 -6.45 -16.20
C ASP A 73 -42.46 -6.50 -14.69
N GLY A 74 -41.72 -5.70 -13.94
CA GLY A 74 -41.83 -5.71 -12.50
C GLY A 74 -41.03 -6.78 -11.80
N SER A 75 -40.15 -7.48 -12.50
CA SER A 75 -39.36 -8.51 -11.83
C SER A 75 -38.41 -7.89 -10.81
N THR A 76 -38.14 -8.66 -9.76
CA THR A 76 -37.18 -8.27 -8.75
C THR A 76 -36.31 -9.47 -8.43
N LYS A 77 -35.07 -9.20 -8.10
CA LYS A 77 -34.17 -10.21 -7.55
C LYS A 77 -33.53 -9.60 -6.32
N TYR A 78 -33.52 -10.34 -5.23
CA TYR A 78 -33.03 -9.84 -3.96
C TYR A 78 -31.76 -10.58 -3.57
N ASN A 79 -30.83 -9.84 -2.97
CA ASN A 79 -29.83 -10.50 -2.16
C ASN A 79 -30.60 -11.21 -1.04
N GLU A 80 -30.43 -12.52 -0.92
CA GLU A 80 -31.22 -13.27 0.06
C GLU A 80 -31.26 -12.63 1.43
N LYS A 81 -30.14 -12.05 1.84
CA LYS A 81 -29.99 -11.37 3.14
C LYS A 81 -30.90 -10.13 3.29
N PHE A 82 -31.50 -9.62 2.20
CA PHE A 82 -32.29 -8.40 2.26
C PHE A 82 -33.79 -8.52 1.95
N LYS A 83 -34.27 -9.70 1.66
CA LYS A 83 -35.68 -9.95 1.44
C LYS A 83 -36.47 -9.71 2.75
N GLY A 84 -37.63 -9.12 2.65
CA GLY A 84 -38.36 -8.76 3.86
C GLY A 84 -37.91 -7.37 4.32
N LYS A 85 -36.59 -7.13 4.35
CA LYS A 85 -36.12 -5.79 4.65
C LYS A 85 -36.49 -4.82 3.53
N ALA A 86 -36.28 -5.21 2.27
CA ALA A 86 -36.47 -4.29 1.14
C ALA A 86 -37.53 -4.80 0.17
N THR A 87 -38.26 -3.84 -0.41
CA THR A 87 -39.24 -4.10 -1.46
C THR A 87 -38.96 -3.10 -2.58
N LEU A 88 -38.65 -3.59 -3.77
CA LEU A 88 -38.34 -2.71 -4.88
C LEU A 88 -39.51 -2.66 -5.86
N THR A 89 -39.92 -1.44 -6.21
CA THR A 89 -40.99 -1.21 -7.17
C THR A 89 -40.54 -0.12 -8.13
N ALA A 90 -41.32 0.08 -9.18
CA ALA A 90 -41.05 1.17 -10.11
C ALA A 90 -42.37 1.66 -10.67
N ASP A 91 -42.38 2.94 -11.05
CA ASP A 91 -43.52 3.59 -11.70
C ASP A 91 -43.05 4.00 -13.09
N LYS A 92 -43.47 3.24 -14.11
CA LYS A 92 -42.98 3.49 -15.46
C LYS A 92 -43.39 4.88 -15.96
N SER A 93 -44.56 5.38 -15.56
CA SER A 93 -45.03 6.66 -16.10
C SER A 93 -44.13 7.83 -15.69
N SER A 94 -43.57 7.79 -14.48
CA SER A 94 -42.71 8.87 -14.00
C SER A 94 -41.22 8.52 -14.06
N SER A 95 -40.88 7.34 -14.58
CA SER A 95 -39.49 6.90 -14.65
C SER A 95 -38.81 6.98 -13.29
N THR A 96 -39.54 6.57 -12.27
CA THR A 96 -39.02 6.58 -10.90
C THR A 96 -39.04 5.15 -10.36
N ALA A 97 -37.92 4.75 -9.76
CA ALA A 97 -37.80 3.48 -9.07
C ALA A 97 -37.81 3.74 -7.57
N TYR A 98 -38.38 2.82 -6.82
CA TYR A 98 -38.52 2.98 -5.38
C TYR A 98 -37.96 1.78 -4.65
N MET A 99 -37.47 2.03 -3.44
CA MET A 99 -37.11 1.01 -2.47
C MET A 99 -37.79 1.34 -1.15
N GLN A 100 -38.55 0.38 -0.64
CA GLN A 100 -39.21 0.52 0.64
C GLN A 100 -38.49 -0.34 1.67
N LEU A 101 -38.04 0.28 2.76
CA LEU A 101 -37.43 -0.41 3.88
C LEU A 101 -38.44 -0.44 5.03
N ASN A 102 -38.63 -1.60 5.63
CA ASN A 102 -39.63 -1.73 6.68
C ASN A 102 -38.99 -2.25 7.94
N SER A 103 -39.70 -2.05 9.06
CA SER A 103 -39.25 -2.51 10.38
C SER A 103 -37.86 -2.00 10.69
N LEU A 104 -37.68 -0.69 10.48
CA LEU A 104 -36.35 -0.09 10.52
C LEU A 104 -35.70 -0.29 11.89
N THR A 105 -34.42 -0.62 11.88
CA THR A 105 -33.62 -0.69 13.10
C THR A 105 -32.34 0.09 12.87
N SER A 106 -31.59 0.30 13.95
CA SER A 106 -30.40 1.13 13.84
C SER A 106 -29.41 0.56 12.85
N GLU A 107 -29.42 -0.76 12.66
CA GLU A 107 -28.53 -1.32 11.66
C GLU A 107 -28.96 -1.01 10.23
N ASP A 108 -30.17 -0.49 10.04
CA ASP A 108 -30.59 0.00 8.74
C ASP A 108 -30.08 1.41 8.45
N SER A 109 -29.44 2.06 9.41
CA SER A 109 -28.92 3.41 9.19
C SER A 109 -27.72 3.34 8.25
N ALA A 110 -27.86 3.95 7.08
CA ALA A 110 -26.83 3.87 6.05
C ALA A 110 -27.20 4.80 4.90
N VAL A 111 -26.32 4.84 3.91
CA VAL A 111 -26.60 5.47 2.62
C VAL A 111 -27.06 4.40 1.65
N TYR A 112 -28.14 4.68 0.92
CA TYR A 112 -28.69 3.73 -0.05
C TYR A 112 -28.60 4.34 -1.44
N PHE A 113 -28.06 3.56 -2.37
CA PHE A 113 -27.80 4.01 -3.74
C PHE A 113 -28.66 3.24 -4.72
N CYS A 114 -29.06 3.92 -5.79
CA CYS A 114 -29.62 3.25 -6.95
C CYS A 114 -28.62 3.37 -8.10
N ALA A 115 -28.68 2.42 -9.02
CA ALA A 115 -27.73 2.40 -10.13
C ALA A 115 -28.38 1.75 -11.35
N LYS A 116 -28.03 2.27 -12.52
CA LYS A 116 -28.55 1.72 -13.77
C LYS A 116 -27.95 0.34 -14.01
N GLY A 117 -28.82 -0.63 -14.31
CA GLY A 117 -28.37 -1.96 -14.66
C GLY A 117 -28.39 -2.25 -16.14
N PHE A 118 -27.49 -3.12 -16.56
CA PHE A 118 -27.40 -3.56 -17.94
C PHE A 118 -28.16 -4.87 -18.09
N ILE A 119 -28.93 -4.95 -19.16
CA ILE A 119 -29.77 -6.11 -19.43
C ILE A 119 -29.13 -7.02 -20.46
N THR A 120 -27.85 -6.81 -20.74
CA THR A 120 -27.13 -7.52 -21.78
C THR A 120 -25.85 -8.17 -21.27
N THR A 121 -25.11 -7.51 -20.38
CA THR A 121 -23.91 -8.03 -19.74
C THR A 121 -24.14 -8.29 -18.27
N VAL A 122 -23.15 -8.96 -17.68
CA VAL A 122 -23.00 -8.97 -16.23
C VAL A 122 -22.27 -7.75 -15.71
N VAL A 123 -21.71 -6.91 -16.58
CA VAL A 123 -20.82 -5.83 -16.15
C VAL A 123 -21.64 -4.68 -15.58
N PRO A 124 -21.23 -4.10 -14.46
CA PRO A 124 -21.99 -2.99 -13.88
C PRO A 124 -21.92 -1.73 -14.73
N SER A 125 -22.88 -0.84 -14.49
CA SER A 125 -23.00 0.43 -15.20
C SER A 125 -22.19 1.51 -14.50
N ALA A 126 -21.94 2.59 -15.22
CA ALA A 126 -21.19 3.72 -14.72
C ALA A 126 -22.07 4.82 -14.11
N TYR A 127 -23.38 4.57 -13.94
CA TYR A 127 -24.30 5.63 -13.55
C TYR A 127 -25.01 5.27 -12.24
N TRP A 128 -24.60 5.93 -11.15
CA TRP A 128 -25.15 5.78 -9.82
C TRP A 128 -25.92 7.04 -9.42
N GLY A 129 -26.90 6.87 -8.57
CA GLY A 129 -27.47 8.01 -7.88
C GLY A 129 -26.52 8.52 -6.82
N GLN A 130 -26.84 9.70 -6.28
CA GLN A 130 -25.97 10.32 -5.29
C GLN A 130 -26.10 9.70 -3.91
N GLY A 131 -27.09 8.84 -3.69
CA GLY A 131 -27.31 8.18 -2.43
C GLY A 131 -28.35 8.90 -1.57
N THR A 132 -29.06 8.12 -0.75
CA THR A 132 -30.00 8.64 0.23
C THR A 132 -29.60 8.13 1.61
N LEU A 133 -29.44 9.05 2.55
CA LEU A 133 -29.06 8.69 3.92
C LEU A 133 -30.32 8.44 4.76
N VAL A 134 -30.37 7.29 5.41
CA VAL A 134 -31.44 6.93 6.33
C VAL A 134 -30.86 6.83 7.74
N THR A 135 -31.46 7.54 8.68
CA THR A 135 -31.01 7.59 10.06
C THR A 135 -32.15 7.09 10.95
N VAL A 136 -31.85 6.07 11.77
CA VAL A 136 -32.82 5.47 12.68
C VAL A 136 -32.38 5.72 14.12
N SER A 137 -33.22 6.39 14.92
CA SER A 137 -32.82 6.70 16.29
C SER A 137 -34.04 7.07 17.11
N ALA A 138 -33.81 7.50 18.35
CA ALA A 138 -34.82 8.05 19.26
C ALA A 138 -36.18 7.38 19.13
N GLY A 157 -23.33 -17.06 2.23
CA GLY A 157 -23.03 -18.42 2.65
C GLY A 157 -22.13 -19.14 1.66
N SER A 158 -22.63 -19.26 0.43
CA SER A 158 -21.82 -19.54 -0.75
C SER A 158 -21.55 -18.27 -1.56
N ASP A 159 -21.93 -17.11 -1.01
CA ASP A 159 -21.59 -15.82 -1.62
C ASP A 159 -20.08 -15.64 -1.70
N VAL A 160 -19.65 -14.85 -2.67
CA VAL A 160 -18.23 -14.54 -2.86
C VAL A 160 -17.84 -13.44 -1.87
N GLN A 161 -16.89 -13.75 -1.00
CA GLN A 161 -16.32 -12.77 -0.08
C GLN A 161 -15.14 -12.09 -0.74
N ILE A 162 -15.07 -10.76 -0.64
CA ILE A 162 -14.04 -9.97 -1.29
C ILE A 162 -13.25 -9.24 -0.21
N THR A 163 -11.95 -9.48 -0.17
CA THR A 163 -11.06 -8.82 0.80
C THR A 163 -10.16 -7.84 0.06
N GLN A 164 -10.18 -6.59 0.49
CA GLN A 164 -9.41 -5.52 -0.12
C GLN A 164 -8.26 -5.12 0.81
N SER A 165 -7.09 -4.86 0.23
CA SER A 165 -5.91 -4.50 1.01
C SER A 165 -4.94 -3.76 0.10
N PRO A 166 -4.19 -2.80 0.63
CA PRO A 166 -4.18 -2.35 2.02
C PRO A 166 -5.45 -1.58 2.28
N SER A 167 -5.85 -1.38 3.53
CA SER A 167 -7.03 -0.57 3.78
C SER A 167 -6.72 0.93 3.78
N TYR A 168 -5.47 1.31 4.02
CA TYR A 168 -5.06 2.69 3.91
C TYR A 168 -3.64 2.75 3.35
N LEU A 169 -3.34 3.80 2.59
CA LEU A 169 -2.00 3.98 2.05
C LEU A 169 -1.79 5.47 1.73
N ALA A 170 -0.56 5.93 1.91
CA ALA A 170 -0.19 7.32 1.72
C ALA A 170 0.88 7.43 0.64
N ALA A 171 0.73 8.41 -0.23
CA ALA A 171 1.66 8.65 -1.32
C ALA A 171 1.58 10.12 -1.73
N SER A 172 2.32 10.47 -2.77
CA SER A 172 2.35 11.84 -3.23
C SER A 172 1.93 11.91 -4.68
N PRO A 173 1.36 13.03 -5.11
CA PRO A 173 1.09 13.21 -6.54
C PRO A 173 2.34 12.88 -7.34
N GLY A 174 2.14 12.21 -8.46
CA GLY A 174 3.24 11.85 -9.33
C GLY A 174 3.77 10.46 -9.12
N GLU A 175 3.45 9.85 -7.98
CA GLU A 175 3.91 8.51 -7.67
C GLU A 175 2.90 7.46 -8.16
N THR A 176 3.24 6.20 -7.92
CA THR A 176 2.45 5.05 -8.37
C THR A 176 2.09 4.17 -7.18
N ILE A 177 0.81 3.81 -7.07
CA ILE A 177 0.41 2.87 -6.03
C ILE A 177 -0.44 1.78 -6.66
N THR A 178 -0.52 0.64 -5.97
CA THR A 178 -1.31 -0.46 -6.46
C THR A 178 -2.10 -1.05 -5.30
N ILE A 179 -3.37 -1.36 -5.57
CA ILE A 179 -4.33 -1.87 -4.58
C ILE A 179 -4.67 -3.30 -4.94
N ASN A 180 -4.74 -4.16 -3.93
CA ASN A 180 -4.98 -5.58 -4.13
C ASN A 180 -6.42 -5.92 -3.80
N CYS A 181 -6.93 -6.94 -4.47
CA CYS A 181 -8.28 -7.44 -4.18
C CYS A 181 -8.29 -8.95 -4.41
N ARG A 182 -8.80 -9.67 -3.42
CA ARG A 182 -8.82 -11.13 -3.47
C ARG A 182 -10.24 -11.64 -3.25
N ALA A 183 -10.65 -12.61 -4.07
CA ALA A 183 -11.96 -13.25 -3.95
C ALA A 183 -11.81 -14.64 -3.32
N SER A 184 -12.79 -15.02 -2.51
CA SER A 184 -12.73 -16.28 -1.76
C SER A 184 -12.91 -17.50 -2.64
N LYS A 185 -13.52 -17.33 -3.80
CA LYS A 185 -13.57 -18.36 -4.82
C LYS A 185 -13.41 -17.65 -6.15
N SER A 186 -13.15 -18.43 -7.20
CA SER A 186 -12.82 -17.83 -8.47
C SER A 186 -13.99 -17.01 -9.00
N ILE A 187 -13.70 -15.78 -9.43
CA ILE A 187 -14.67 -14.97 -10.13
C ILE A 187 -14.28 -14.80 -11.60
N SER A 188 -13.39 -15.67 -12.09
CA SER A 188 -12.89 -15.56 -13.46
C SER A 188 -12.26 -14.18 -13.56
N LYS A 189 -12.63 -13.34 -14.52
CA LYS A 189 -12.06 -12.01 -14.66
C LYS A 189 -12.99 -10.90 -14.22
N TYR A 190 -14.14 -11.22 -13.64
CA TYR A 190 -15.23 -10.25 -13.53
C TYR A 190 -15.12 -9.49 -12.22
N LEU A 191 -14.18 -8.54 -12.20
CA LEU A 191 -13.93 -7.65 -11.07
C LEU A 191 -13.98 -6.21 -11.54
N ALA A 192 -14.76 -5.39 -10.86
CA ALA A 192 -14.87 -3.97 -11.14
C ALA A 192 -14.17 -3.16 -10.05
N TRP A 193 -13.83 -1.92 -10.38
CA TRP A 193 -13.21 -0.98 -9.45
C TRP A 193 -13.94 0.35 -9.51
N TYR A 194 -14.16 0.94 -8.33
CA TYR A 194 -14.84 2.23 -8.20
C TYR A 194 -13.99 3.22 -7.41
N GLN A 195 -14.13 4.49 -7.77
CA GLN A 195 -13.57 5.62 -7.03
C GLN A 195 -14.73 6.40 -6.42
N GLU A 196 -14.71 6.53 -5.09
CA GLU A 196 -15.70 7.31 -4.34
C GLU A 196 -15.09 8.63 -3.89
N LYS A 197 -15.53 9.75 -4.48
CA LYS A 197 -15.12 11.04 -3.95
C LYS A 197 -16.32 11.79 -3.37
N PRO A 198 -16.16 12.44 -2.21
CA PRO A 198 -17.32 13.10 -1.57
C PRO A 198 -17.90 14.21 -2.43
N GLY A 199 -19.24 14.24 -2.51
CA GLY A 199 -19.97 15.17 -3.35
C GLY A 199 -20.10 14.75 -4.80
N LYS A 200 -19.53 13.60 -5.18
CA LYS A 200 -19.69 13.05 -6.53
C LYS A 200 -20.29 11.65 -6.44
N THR A 201 -21.01 11.27 -7.49
CA THR A 201 -21.52 9.91 -7.57
C THR A 201 -20.36 8.93 -7.77
N ASN A 202 -20.61 7.67 -7.42
CA ASN A 202 -19.60 6.64 -7.59
C ASN A 202 -19.13 6.57 -9.03
N LYS A 203 -17.81 6.46 -9.21
CA LYS A 203 -17.20 6.48 -10.54
C LYS A 203 -16.66 5.08 -10.84
N LEU A 204 -17.16 4.50 -11.93
CA LEU A 204 -16.68 3.20 -12.39
C LEU A 204 -15.38 3.39 -13.14
N LEU A 205 -14.31 2.75 -12.67
CA LEU A 205 -13.01 2.87 -13.31
C LEU A 205 -12.75 1.73 -14.27
N ILE A 206 -12.92 0.50 -13.79
CA ILE A 206 -12.55 -0.71 -14.51
C ILE A 206 -13.64 -1.74 -14.27
N TYR A 207 -13.89 -2.56 -15.28
CA TYR A 207 -14.73 -3.72 -15.10
C TYR A 207 -14.07 -4.91 -15.80
N SER A 208 -14.52 -6.11 -15.45
CA SER A 208 -13.96 -7.34 -16.04
C SER A 208 -12.45 -7.37 -15.89
N GLY A 209 -11.97 -6.90 -14.74
CA GLY A 209 -10.56 -7.04 -14.43
C GLY A 209 -9.61 -6.00 -15.01
N SER A 210 -9.78 -5.64 -16.28
CA SER A 210 -8.76 -4.81 -16.92
C SER A 210 -9.32 -3.84 -17.95
N THR A 211 -10.61 -3.91 -18.23
CA THR A 211 -11.19 -3.03 -19.23
C THR A 211 -11.51 -1.66 -18.64
N LEU A 212 -10.98 -0.63 -19.27
CA LEU A 212 -11.18 0.72 -18.80
C LEU A 212 -12.55 1.24 -19.20
N GLN A 213 -13.29 1.74 -18.22
CA GLN A 213 -14.53 2.41 -18.56
C GLN A 213 -14.25 3.59 -19.48
N SER A 214 -15.22 3.88 -20.34
CA SER A 214 -15.09 5.03 -21.23
C SER A 214 -14.81 6.30 -20.42
N GLY A 215 -13.88 7.11 -20.93
CA GLY A 215 -13.56 8.37 -20.31
C GLY A 215 -12.58 8.31 -19.15
N ILE A 216 -12.11 7.13 -18.75
CA ILE A 216 -11.21 7.02 -17.61
C ILE A 216 -9.77 7.19 -18.07
N PRO A 217 -8.94 7.96 -17.37
CA PRO A 217 -7.56 8.16 -17.82
C PRO A 217 -6.75 6.86 -17.77
N SER A 218 -5.78 6.77 -18.69
CA SER A 218 -4.97 5.57 -18.86
C SER A 218 -4.00 5.29 -17.72
N ARG A 219 -3.73 6.26 -16.84
CA ARG A 219 -2.87 5.93 -15.70
C ARG A 219 -3.51 4.92 -14.75
N PHE A 220 -4.81 4.63 -14.91
CA PHE A 220 -5.47 3.53 -14.21
C PHE A 220 -5.35 2.24 -14.99
N SER A 221 -5.01 1.16 -14.31
CA SER A 221 -5.01 -0.14 -14.96
C SER A 221 -5.30 -1.22 -13.94
N GLY A 222 -5.95 -2.30 -14.39
CA GLY A 222 -6.24 -3.43 -13.54
C GLY A 222 -5.76 -4.71 -14.17
N SER A 223 -5.50 -5.70 -13.32
CA SER A 223 -5.09 -7.02 -13.79
C SER A 223 -5.50 -8.05 -12.77
N GLY A 224 -5.43 -9.31 -13.18
CA GLY A 224 -5.75 -10.43 -12.33
C GLY A 224 -6.82 -11.31 -12.93
N SER A 225 -6.96 -12.49 -12.34
CA SER A 225 -7.91 -13.47 -12.83
C SER A 225 -8.09 -14.56 -11.78
N GLY A 226 -9.30 -15.10 -11.69
CA GLY A 226 -9.58 -16.11 -10.71
C GLY A 226 -9.90 -15.53 -9.35
N THR A 227 -8.87 -15.30 -8.54
CA THR A 227 -9.05 -14.74 -7.20
C THR A 227 -8.17 -13.54 -6.90
N ASP A 228 -7.08 -13.29 -7.64
CA ASP A 228 -6.09 -12.26 -7.30
C ASP A 228 -6.11 -11.12 -8.32
N PHE A 229 -6.48 -9.93 -7.88
CA PHE A 229 -6.59 -8.77 -8.75
C PHE A 229 -5.86 -7.57 -8.14
N THR A 230 -5.48 -6.64 -9.00
CA THR A 230 -4.86 -5.40 -8.57
C THR A 230 -5.37 -4.25 -9.43
N LEU A 231 -5.46 -3.10 -8.79
CA LEU A 231 -5.64 -1.83 -9.48
C LEU A 231 -4.37 -1.01 -9.26
N THR A 232 -3.83 -0.46 -10.34
CA THR A 232 -2.60 0.30 -10.29
C THR A 232 -2.86 1.70 -10.81
N ILE A 233 -2.48 2.70 -10.03
CA ILE A 233 -2.58 4.09 -10.44
C ILE A 233 -1.17 4.65 -10.52
N SER A 234 -0.76 5.08 -11.71
CA SER A 234 0.54 5.68 -11.89
C SER A 234 0.40 7.17 -12.12
N SER A 235 1.49 7.90 -11.92
CA SER A 235 1.48 9.37 -12.01
C SER A 235 0.25 9.95 -11.31
N LEU A 236 0.10 9.64 -10.03
CA LEU A 236 -1.06 10.08 -9.26
C LEU A 236 -1.27 11.58 -9.44
N GLU A 237 -2.54 11.97 -9.54
CA GLU A 237 -2.95 13.36 -9.60
C GLU A 237 -3.73 13.71 -8.34
N PRO A 238 -3.79 14.98 -7.96
CA PRO A 238 -4.45 15.31 -6.69
C PRO A 238 -5.85 14.78 -6.59
N GLU A 239 -6.55 14.60 -7.72
CA GLU A 239 -7.92 14.12 -7.68
C GLU A 239 -8.02 12.62 -7.43
N ASP A 240 -6.92 11.86 -7.58
CA ASP A 240 -7.00 10.41 -7.39
C ASP A 240 -6.94 10.02 -5.93
N PHE A 241 -6.51 10.92 -5.05
CA PHE A 241 -6.60 10.65 -3.63
C PHE A 241 -8.07 10.57 -3.25
N ALA A 242 -8.52 9.37 -2.85
CA ALA A 242 -9.95 9.11 -2.67
C ALA A 242 -10.10 7.73 -2.04
N MET A 243 -11.36 7.30 -1.90
CA MET A 243 -11.73 5.93 -1.54
C MET A 243 -11.92 5.06 -2.79
N TYR A 244 -11.44 3.82 -2.75
CA TYR A 244 -11.58 2.86 -3.83
C TYR A 244 -12.24 1.58 -3.34
N TYR A 245 -13.03 0.95 -4.22
CA TYR A 245 -13.73 -0.29 -3.91
C TYR A 245 -13.66 -1.25 -5.11
N CYS A 246 -13.44 -2.52 -4.84
CA CYS A 246 -13.59 -3.54 -5.88
C CYS A 246 -14.90 -4.26 -5.68
N GLN A 247 -15.41 -4.85 -6.76
CA GLN A 247 -16.68 -5.55 -6.74
C GLN A 247 -16.64 -6.68 -7.74
N GLN A 248 -16.93 -7.90 -7.31
CA GLN A 248 -17.11 -8.99 -8.28
C GLN A 248 -18.49 -8.88 -8.90
N HIS A 249 -18.55 -8.99 -10.22
CA HIS A 249 -19.81 -9.02 -10.96
C HIS A 249 -19.90 -10.31 -11.77
N ASN A 250 -19.40 -11.40 -11.21
CA ASN A 250 -19.42 -12.71 -11.82
C ASN A 250 -20.65 -13.54 -11.43
N GLU A 251 -21.29 -13.22 -10.30
CA GLU A 251 -22.47 -13.95 -9.87
C GLU A 251 -23.22 -13.10 -8.87
N TYR A 252 -24.54 -13.38 -8.73
CA TYR A 252 -25.31 -12.72 -7.68
C TYR A 252 -25.29 -13.56 -6.41
N PRO A 253 -25.36 -12.90 -5.25
CA PRO A 253 -25.38 -11.45 -5.07
C PRO A 253 -24.02 -10.81 -5.36
N TRP A 254 -24.05 -9.65 -6.02
CA TRP A 254 -22.87 -8.82 -6.15
C TRP A 254 -22.29 -8.52 -4.78
N THR A 255 -20.96 -8.62 -4.65
CA THR A 255 -20.28 -8.32 -3.40
C THR A 255 -19.07 -7.41 -3.62
N PHE A 256 -18.76 -6.60 -2.60
CA PHE A 256 -17.76 -5.55 -2.68
C PHE A 256 -16.63 -5.77 -1.67
N GLY A 257 -15.44 -5.28 -2.03
CA GLY A 257 -14.36 -5.20 -1.06
C GLY A 257 -14.65 -4.15 -0.01
N GLY A 258 -13.88 -4.21 1.09
CA GLY A 258 -14.10 -3.31 2.22
C GLY A 258 -13.71 -1.85 1.99
N GLY A 259 -12.96 -1.56 0.95
CA GLY A 259 -12.56 -0.20 0.65
C GLY A 259 -11.09 0.05 0.97
N THR A 260 -10.49 0.95 0.20
CA THR A 260 -9.12 1.38 0.39
C THR A 260 -9.07 2.91 0.34
N LYS A 261 -8.41 3.52 1.33
CA LYS A 261 -8.28 4.97 1.36
C LYS A 261 -6.87 5.38 0.92
N LEU A 262 -6.81 6.18 -0.15
CA LEU A 262 -5.55 6.73 -0.64
C LEU A 262 -5.45 8.19 -0.17
N GLU A 263 -4.52 8.44 0.74
CA GLU A 263 -4.33 9.74 1.37
C GLU A 263 -2.96 10.33 1.01
N ILE A 264 -2.87 11.66 1.05
CA ILE A 264 -1.62 12.35 0.77
C ILE A 264 -0.67 12.10 1.93
N LYS A 265 0.56 11.73 1.62
CA LYS A 265 1.51 11.30 2.64
C LYS A 265 1.94 12.46 3.53
N LEU A 266 2.13 12.16 4.87
CA LEU A 266 2.83 13.21 5.60
C LEU A 266 4.34 12.94 5.65
N PRO A 267 5.12 14.01 5.60
CA PRO A 267 6.58 13.86 5.54
C PRO A 267 7.14 13.27 6.82
N GLU A 268 8.16 12.42 6.67
CA GLU A 268 8.83 11.83 7.82
C GLU A 268 9.58 12.92 8.58
N THR A 269 9.26 13.08 9.86
CA THR A 269 9.83 14.16 10.65
C THR A 269 11.24 13.78 11.12
N GLY A 270 12.00 14.78 11.54
CA GLY A 270 13.31 14.55 12.09
C GLY A 270 13.33 14.49 13.60
N HIS A 271 12.15 14.54 14.24
CA HIS A 271 12.03 14.53 15.70
C HIS A 271 11.50 13.19 16.19
N HIS A 272 11.98 12.78 17.36
CA HIS A 272 11.61 11.54 18.05
C HIS A 272 10.10 11.31 18.03
N HIS A 273 9.66 10.32 17.26
CA HIS A 273 8.26 9.91 17.17
C HIS A 273 8.20 8.39 17.22
N HIS A 274 7.01 7.85 17.45
CA HIS A 274 6.83 6.41 17.53
C HIS A 274 5.78 5.89 16.56
N HIS A 275 5.95 4.63 16.17
CA HIS A 275 5.04 3.87 15.33
C HIS A 275 4.48 2.69 16.14
N HIS A 276 3.57 1.93 15.53
CA HIS A 276 2.90 0.86 16.24
C HIS A 276 3.03 -0.49 15.54
N TRP A 277 3.02 -1.54 16.36
CA TRP A 277 2.88 -2.91 15.91
C TRP A 277 2.05 -3.66 16.94
N SER A 278 1.55 -4.84 16.55
CA SER A 278 0.65 -5.59 17.42
C SER A 278 0.91 -7.09 17.28
N HIS A 279 0.44 -7.84 18.28
CA HIS A 279 0.50 -9.28 18.27
C HIS A 279 -0.73 -9.80 19.03
N PRO A 280 -1.24 -10.98 18.65
CA PRO A 280 -2.46 -11.50 19.30
C PRO A 280 -2.23 -11.92 20.74
N GLN A 281 -3.36 -12.21 21.41
CA GLN A 281 -3.45 -12.61 22.83
C GLN A 281 -2.23 -12.20 23.66
N GLN B 19 26.83 -17.42 10.15
CA GLN B 19 27.00 -16.47 11.26
C GLN B 19 28.06 -15.44 10.90
N VAL B 20 27.71 -14.57 9.97
CA VAL B 20 28.51 -13.39 9.69
C VAL B 20 27.98 -12.30 10.62
N GLN B 21 28.85 -11.73 11.45
CA GLN B 21 28.47 -10.65 12.35
C GLN B 21 29.29 -9.40 12.06
N LEU B 22 28.62 -8.25 12.02
CA LEU B 22 29.28 -6.94 12.01
C LEU B 22 28.91 -6.14 13.26
N GLN B 23 29.84 -6.06 14.20
CA GLN B 23 29.62 -5.40 15.49
C GLN B 23 30.13 -3.97 15.39
N GLN B 24 29.21 -3.00 15.44
CA GLN B 24 29.56 -1.59 15.35
C GLN B 24 29.66 -0.96 16.73
N SER B 25 30.50 0.07 16.82
CA SER B 25 30.82 0.77 18.04
C SER B 25 29.62 1.57 18.59
N ASP B 26 29.75 1.97 19.86
CA ASP B 26 28.66 2.59 20.60
C ASP B 26 28.29 3.98 20.05
N ALA B 27 27.08 4.41 20.38
CA ALA B 27 26.56 5.67 19.89
C ALA B 27 27.49 6.83 20.27
N GLU B 28 27.56 7.81 19.38
CA GLU B 28 28.44 8.96 19.57
C GLU B 28 27.59 10.22 19.67
N LEU B 29 28.02 11.12 20.55
CA LEU B 29 27.42 12.43 20.74
C LEU B 29 28.55 13.43 20.71
N VAL B 30 28.66 14.18 19.62
CA VAL B 30 29.80 15.07 19.41
C VAL B 30 29.31 16.48 19.11
N LYS B 31 30.24 17.45 19.28
CA LYS B 31 29.98 18.85 19.02
C LYS B 31 30.23 19.17 17.55
N PRO B 32 29.55 20.17 17.01
CA PRO B 32 29.76 20.51 15.59
C PRO B 32 31.21 20.92 15.36
N GLY B 33 31.76 20.48 14.23
CA GLY B 33 33.13 20.80 13.89
C GLY B 33 34.15 19.75 14.29
N ALA B 34 33.78 18.81 15.16
CA ALA B 34 34.68 17.75 15.54
C ALA B 34 34.64 16.63 14.50
N SER B 35 35.48 15.62 14.71
CA SER B 35 35.48 14.37 13.94
C SER B 35 35.00 13.24 14.83
N VAL B 36 34.50 12.18 14.19
CA VAL B 36 34.29 10.89 14.86
C VAL B 36 34.78 9.79 13.95
N LYS B 37 35.38 8.78 14.56
CA LYS B 37 35.79 7.55 13.90
C LYS B 37 35.00 6.43 14.55
N ILE B 38 34.05 5.88 13.81
CA ILE B 38 33.28 4.73 14.27
C ILE B 38 33.83 3.46 13.62
N SER B 39 33.63 2.32 14.27
CA SER B 39 34.29 1.08 13.87
C SER B 39 33.27 0.00 13.54
N CYS B 40 33.78 -1.06 12.89
CA CYS B 40 32.96 -2.17 12.40
C CYS B 40 33.81 -3.44 12.51
N LYS B 41 33.51 -4.28 13.50
CA LYS B 41 34.29 -5.49 13.79
C LYS B 41 33.59 -6.70 13.17
N VAL B 42 34.24 -7.34 12.19
CA VAL B 42 33.61 -8.41 11.42
C VAL B 42 34.11 -9.76 11.91
N SER B 43 33.22 -10.75 11.86
CA SER B 43 33.57 -12.12 12.19
C SER B 43 32.69 -13.05 11.39
N GLY B 44 33.22 -14.23 11.08
CA GLY B 44 32.45 -15.26 10.39
C GLY B 44 32.80 -15.44 8.94
N TYR B 45 33.74 -14.65 8.41
CA TYR B 45 34.29 -14.86 7.07
C TYR B 45 35.68 -14.22 7.05
N THR B 46 36.42 -14.46 5.97
CA THR B 46 37.76 -13.89 5.88
C THR B 46 37.65 -12.43 5.47
N PHE B 47 38.10 -11.54 6.37
CA PHE B 47 37.87 -10.11 6.26
C PHE B 47 38.37 -9.55 4.92
N THR B 48 39.55 -9.97 4.50
CA THR B 48 40.18 -9.39 3.32
C THR B 48 39.56 -9.82 2.00
N ASP B 49 38.55 -10.71 2.00
CA ASP B 49 37.97 -11.19 0.76
C ASP B 49 36.90 -10.29 0.16
N HIS B 50 36.41 -9.30 0.90
CA HIS B 50 35.24 -8.54 0.44
C HIS B 50 35.34 -7.11 0.93
N THR B 51 34.67 -6.21 0.20
CA THR B 51 34.60 -4.81 0.60
C THR B 51 33.69 -4.67 1.81
N ILE B 52 33.87 -3.56 2.53
CA ILE B 52 32.95 -3.13 3.57
C ILE B 52 32.26 -1.89 3.03
N HIS B 53 30.93 -1.93 2.95
CA HIS B 53 30.14 -0.78 2.56
C HIS B 53 29.67 -0.02 3.79
N TRP B 54 29.54 1.29 3.65
CA TRP B 54 29.04 2.17 4.70
C TRP B 54 27.83 2.92 4.20
N MET B 55 26.79 3.00 5.05
CA MET B 55 25.53 3.65 4.72
C MET B 55 25.14 4.62 5.83
N LYS B 56 24.41 5.65 5.44
CA LYS B 56 23.85 6.65 6.35
C LYS B 56 22.33 6.57 6.27
N GLN B 57 21.66 6.62 7.42
CA GLN B 57 20.21 6.59 7.45
C GLN B 57 19.68 7.67 8.40
N ARG B 58 18.83 8.55 7.87
CA ARG B 58 17.99 9.50 8.60
C ARG B 58 16.52 9.23 8.30
N PRO B 59 15.63 9.52 9.25
CA PRO B 59 14.21 9.23 9.01
C PRO B 59 13.68 9.97 7.79
N GLU B 60 14.06 11.25 7.62
CA GLU B 60 13.50 12.00 6.50
C GLU B 60 14.16 11.64 5.17
N GLN B 61 15.48 11.42 5.15
CA GLN B 61 16.21 11.28 3.90
C GLN B 61 16.47 9.83 3.52
N GLY B 62 16.08 8.87 4.36
CA GLY B 62 16.27 7.45 4.06
C GLY B 62 17.70 6.95 4.08
N LEU B 63 17.96 5.96 3.23
CA LEU B 63 19.28 5.33 3.18
C LEU B 63 20.11 5.92 2.07
N GLU B 64 21.38 6.21 2.38
CA GLU B 64 22.36 6.70 1.42
C GLU B 64 23.62 5.85 1.49
N TRP B 65 24.28 5.73 0.35
CA TRP B 65 25.51 4.96 0.27
C TRP B 65 26.69 5.93 0.33
N ILE B 66 27.56 5.75 1.33
CA ILE B 66 28.73 6.60 1.47
C ILE B 66 29.87 6.13 0.57
N GLY B 67 30.13 4.84 0.56
CA GLY B 67 31.23 4.28 -0.21
C GLY B 67 31.59 2.93 0.34
N TYR B 68 32.63 2.33 -0.27
CA TYR B 68 33.14 1.07 0.24
C TYR B 68 34.65 1.17 0.40
N ASN B 69 35.20 0.26 1.21
CA ASN B 69 36.61 0.13 1.47
C ASN B 69 36.94 -1.34 1.27
N TYR B 70 38.02 -1.64 0.54
CA TYR B 70 38.44 -3.03 0.35
C TYR B 70 39.62 -3.36 1.25
N PRO B 71 39.43 -4.17 2.30
CA PRO B 71 40.51 -4.36 3.27
C PRO B 71 41.77 -5.01 2.71
N ARG B 72 41.63 -5.94 1.77
CA ARG B 72 42.81 -6.66 1.29
C ARG B 72 43.86 -5.71 0.76
N ASP B 73 43.40 -4.73 -0.01
CA ASP B 73 44.18 -3.81 -0.82
C ASP B 73 44.14 -2.36 -0.30
N GLY B 74 43.22 -2.03 0.60
CA GLY B 74 43.09 -0.70 1.15
C GLY B 74 42.44 0.32 0.26
N SER B 75 41.97 -0.09 -0.91
CA SER B 75 41.32 0.83 -1.83
C SER B 75 39.96 1.29 -1.30
N THR B 76 39.50 2.42 -1.83
CA THR B 76 38.21 2.99 -1.45
C THR B 76 37.49 3.43 -2.70
N LYS B 77 36.16 3.40 -2.63
CA LYS B 77 35.32 4.08 -3.60
C LYS B 77 34.26 4.89 -2.86
N TYR B 78 34.16 6.17 -3.18
CA TYR B 78 33.26 7.07 -2.47
C TYR B 78 32.16 7.56 -3.41
N ASN B 79 30.96 7.68 -2.86
CA ASN B 79 29.94 8.49 -3.49
C ASN B 79 30.37 9.96 -3.46
N GLU B 80 30.32 10.61 -4.62
CA GLU B 80 30.75 11.99 -4.71
C GLU B 80 30.16 12.84 -3.60
N LYS B 81 28.93 12.56 -3.15
CA LYS B 81 28.29 13.42 -2.16
C LYS B 81 28.98 13.35 -0.81
N PHE B 82 29.71 12.26 -0.51
CA PHE B 82 30.37 12.05 0.76
C PHE B 82 31.89 12.16 0.68
N LYS B 83 32.44 12.43 -0.50
CA LYS B 83 33.88 12.65 -0.61
C LYS B 83 34.29 13.78 0.31
N GLY B 84 35.39 13.61 1.03
CA GLY B 84 35.78 14.64 1.97
C GLY B 84 35.13 14.53 3.34
N LYS B 85 33.82 14.31 3.37
CA LYS B 85 33.11 14.13 4.64
C LYS B 85 33.53 12.83 5.35
N ALA B 86 33.72 11.74 4.61
CA ALA B 86 34.01 10.44 5.19
C ALA B 86 35.37 9.94 4.75
N THR B 87 36.06 9.24 5.65
CA THR B 87 37.33 8.57 5.35
C THR B 87 37.25 7.14 5.83
N LEU B 88 37.37 6.20 4.90
CA LEU B 88 37.23 4.79 5.22
C LEU B 88 38.62 4.15 5.30
N THR B 89 38.86 3.40 6.36
CA THR B 89 40.10 2.66 6.55
C THR B 89 39.74 1.27 7.08
N ALA B 90 40.73 0.39 7.10
CA ALA B 90 40.53 -0.95 7.61
C ALA B 90 41.80 -1.41 8.31
N ASP B 91 41.64 -2.24 9.34
CA ASP B 91 42.76 -2.82 10.07
C ASP B 91 42.70 -4.32 9.95
N LYS B 92 43.55 -4.87 9.08
CA LYS B 92 43.49 -6.29 8.78
C LYS B 92 43.74 -7.16 10.02
N SER B 93 44.63 -6.72 10.91
CA SER B 93 44.97 -7.55 12.06
C SER B 93 43.79 -7.77 13.00
N SER B 94 42.87 -6.81 13.10
CA SER B 94 41.73 -6.93 13.99
C SER B 94 40.41 -7.21 13.26
N SER B 95 40.43 -7.37 11.95
CA SER B 95 39.20 -7.54 11.16
C SER B 95 38.22 -6.43 11.47
N THR B 96 38.72 -5.20 11.58
CA THR B 96 37.91 -4.04 11.89
C THR B 96 38.00 -3.01 10.79
N ALA B 97 36.85 -2.48 10.39
CA ALA B 97 36.72 -1.41 9.43
C ALA B 97 36.34 -0.12 10.16
N TYR B 98 36.82 1.02 9.65
CA TYR B 98 36.58 2.30 10.30
C TYR B 98 36.04 3.31 9.32
N MET B 99 35.18 4.20 9.81
CA MET B 99 34.81 5.38 9.05
C MET B 99 34.97 6.60 9.94
N GLN B 100 35.73 7.58 9.47
CA GLN B 100 35.92 8.83 10.20
C GLN B 100 35.11 9.91 9.52
N LEU B 101 34.25 10.56 10.29
CA LEU B 101 33.46 11.68 9.79
C LEU B 101 34.10 12.95 10.34
N ASN B 102 34.33 13.92 9.46
CA ASN B 102 34.99 15.15 9.89
C ASN B 102 34.14 16.36 9.60
N SER B 103 34.48 17.47 10.27
CA SER B 103 33.77 18.74 10.14
C SER B 103 32.27 18.55 10.35
N LEU B 104 31.94 17.86 11.44
CA LEU B 104 30.56 17.43 11.67
C LEU B 104 29.59 18.61 11.78
N THR B 105 28.43 18.45 11.16
CA THR B 105 27.31 19.37 11.30
C THR B 105 26.07 18.58 11.62
N SER B 106 25.01 19.30 11.99
CA SER B 106 23.77 18.64 12.39
C SER B 106 23.21 17.79 11.27
N GLU B 107 23.53 18.11 10.01
CA GLU B 107 23.05 17.28 8.90
C GLU B 107 23.74 15.92 8.89
N ASP B 108 24.86 15.79 9.59
CA ASP B 108 25.54 14.50 9.72
C ASP B 108 24.93 13.62 10.80
N SER B 109 23.93 14.10 11.54
CA SER B 109 23.31 13.29 12.58
C SER B 109 22.47 12.20 11.93
N ALA B 110 22.81 10.95 12.20
CA ALA B 110 22.13 9.84 11.56
C ALA B 110 22.59 8.54 12.22
N VAL B 111 22.03 7.43 11.75
CA VAL B 111 22.57 6.10 12.02
C VAL B 111 23.44 5.71 10.84
N TYR B 112 24.63 5.18 11.12
CA TYR B 112 25.56 4.75 10.09
C TYR B 112 25.75 3.24 10.16
N PHE B 113 25.60 2.58 9.02
CA PHE B 113 25.70 1.13 8.92
C PHE B 113 26.93 0.74 8.10
N CYS B 114 27.52 -0.38 8.47
CA CYS B 114 28.50 -1.06 7.63
C CYS B 114 27.87 -2.36 7.13
N ALA B 115 28.34 -2.84 5.98
CA ALA B 115 27.80 -4.07 5.40
C ALA B 115 28.88 -4.75 4.57
N LYS B 116 28.87 -6.09 4.63
CA LYS B 116 29.79 -6.88 3.83
C LYS B 116 29.37 -6.89 2.37
N GLY B 117 30.28 -6.51 1.48
CA GLY B 117 30.05 -6.59 0.05
C GLY B 117 30.57 -7.92 -0.46
N PHE B 118 30.33 -8.20 -1.74
CA PHE B 118 30.96 -9.37 -2.34
C PHE B 118 32.15 -8.91 -3.17
N ILE B 119 33.34 -9.38 -2.79
CA ILE B 119 34.61 -8.97 -3.38
C ILE B 119 34.56 -7.46 -3.62
N THR B 120 34.69 -7.01 -4.87
CA THR B 120 34.61 -5.58 -5.20
C THR B 120 33.55 -5.36 -6.25
N THR B 121 32.41 -6.04 -6.09
CA THR B 121 31.33 -5.98 -7.04
C THR B 121 30.27 -4.96 -6.60
N VAL B 122 29.31 -4.75 -7.50
CA VAL B 122 28.11 -3.97 -7.21
C VAL B 122 27.09 -4.75 -6.39
N VAL B 123 27.37 -6.01 -6.05
CA VAL B 123 26.34 -6.90 -5.48
C VAL B 123 25.85 -6.35 -4.14
N PRO B 124 24.54 -6.31 -3.90
CA PRO B 124 24.05 -5.77 -2.62
C PRO B 124 24.37 -6.70 -1.46
N SER B 125 24.42 -6.13 -0.26
CA SER B 125 24.80 -6.89 0.91
C SER B 125 23.58 -7.49 1.61
N ALA B 126 23.76 -8.71 2.09
CA ALA B 126 22.77 -9.38 2.93
C ALA B 126 23.19 -9.39 4.37
N TYR B 127 24.37 -8.82 4.67
CA TYR B 127 24.97 -8.90 6.00
C TYR B 127 25.31 -7.48 6.44
N TRP B 128 24.44 -6.90 7.26
CA TRP B 128 24.59 -5.54 7.73
C TRP B 128 24.91 -5.53 9.22
N GLY B 129 25.64 -4.51 9.64
CA GLY B 129 25.78 -4.22 11.06
C GLY B 129 24.52 -3.60 11.62
N GLN B 130 24.47 -3.50 12.95
CA GLN B 130 23.33 -2.94 13.65
C GLN B 130 23.27 -1.40 13.62
N GLY B 131 24.31 -0.74 13.14
CA GLY B 131 24.26 0.70 13.08
C GLY B 131 24.95 1.34 14.27
N THR B 132 25.48 2.55 14.04
CA THR B 132 25.97 3.41 15.10
C THR B 132 25.27 4.75 14.98
N LEU B 133 24.65 5.22 16.06
CA LEU B 133 23.97 6.51 16.03
C LEU B 133 24.97 7.61 16.30
N VAL B 134 25.03 8.60 15.41
CA VAL B 134 25.87 9.78 15.60
C VAL B 134 24.97 11.00 15.71
N THR B 135 25.15 11.76 16.79
CA THR B 135 24.35 12.94 17.10
C THR B 135 25.27 14.14 17.24
N VAL B 136 24.97 15.22 16.52
CA VAL B 136 25.80 16.42 16.54
C VAL B 136 25.04 17.53 17.27
N SER B 137 25.65 18.09 18.31
CA SER B 137 25.01 19.14 19.10
C SER B 137 26.01 19.93 19.93
N SER B 158 22.76 12.39 -12.92
CA SER B 158 23.16 11.16 -13.57
C SER B 158 23.17 9.96 -12.61
N ASP B 159 23.04 10.22 -11.30
CA ASP B 159 22.78 9.14 -10.35
C ASP B 159 21.38 8.59 -10.58
N VAL B 160 21.17 7.34 -10.17
CA VAL B 160 19.83 6.78 -10.24
C VAL B 160 19.02 7.24 -9.04
N GLN B 161 17.97 8.02 -9.29
CA GLN B 161 17.00 8.42 -8.27
C GLN B 161 15.84 7.43 -8.28
N ILE B 162 15.42 6.96 -7.10
CA ILE B 162 14.36 5.97 -7.02
C ILE B 162 13.22 6.52 -6.18
N THR B 163 12.00 6.46 -6.73
CA THR B 163 10.79 6.87 -6.05
C THR B 163 10.08 5.62 -5.55
N GLN B 164 9.89 5.53 -4.23
CA GLN B 164 9.23 4.40 -3.61
C GLN B 164 7.84 4.84 -3.12
N SER B 165 6.83 4.03 -3.39
CA SER B 165 5.47 4.38 -3.01
C SER B 165 4.65 3.11 -2.92
N PRO B 166 3.69 3.05 -2.00
CA PRO B 166 3.32 4.10 -1.05
C PRO B 166 4.38 4.23 0.04
N SER B 167 4.43 5.34 0.77
CA SER B 167 5.37 5.48 1.87
C SER B 167 4.84 4.89 3.17
N TYR B 168 3.53 4.75 3.30
CA TYR B 168 2.92 4.12 4.47
C TYR B 168 1.79 3.26 3.99
N LEU B 169 1.56 2.17 4.72
CA LEU B 169 0.62 1.15 4.28
C LEU B 169 0.07 0.40 5.49
N ALA B 170 -1.24 0.15 5.51
CA ALA B 170 -1.86 -0.63 6.58
C ALA B 170 -2.72 -1.75 5.99
N ALA B 171 -2.58 -2.96 6.54
CA ALA B 171 -3.35 -4.10 6.06
C ALA B 171 -3.51 -5.10 7.21
N SER B 172 -4.08 -6.25 6.90
CA SER B 172 -4.55 -7.26 7.84
C SER B 172 -3.79 -8.58 7.68
N PRO B 173 -3.66 -9.36 8.75
CA PRO B 173 -3.09 -10.71 8.57
C PRO B 173 -3.86 -11.46 7.49
N GLY B 174 -3.14 -12.17 6.62
CA GLY B 174 -3.76 -12.95 5.57
C GLY B 174 -3.91 -12.24 4.25
N GLU B 175 -3.88 -10.91 4.24
CA GLU B 175 -4.06 -10.14 3.01
C GLU B 175 -2.71 -9.96 2.30
N THR B 176 -2.77 -9.35 1.12
CA THR B 176 -1.58 -9.13 0.30
C THR B 176 -1.45 -7.67 -0.09
N ILE B 177 -0.23 -7.13 0.00
CA ILE B 177 0.06 -5.74 -0.34
C ILE B 177 1.20 -5.68 -1.35
N THR B 178 1.30 -4.52 -2.02
CA THR B 178 2.25 -4.29 -3.09
C THR B 178 2.91 -2.93 -2.92
N ILE B 179 4.25 -2.89 -3.04
CA ILE B 179 5.04 -1.67 -2.92
C ILE B 179 5.67 -1.41 -4.28
N ASN B 180 5.71 -0.15 -4.69
CA ASN B 180 6.27 0.23 -5.99
C ASN B 180 7.60 0.96 -5.83
N CYS B 181 8.47 0.83 -6.84
CA CYS B 181 9.70 1.60 -6.92
C CYS B 181 9.94 1.92 -8.38
N ARG B 182 10.18 3.19 -8.69
CA ARG B 182 10.39 3.66 -10.05
C ARG B 182 11.77 4.28 -10.09
N ALA B 183 12.57 3.87 -11.07
CA ALA B 183 13.92 4.36 -11.23
C ALA B 183 13.96 5.46 -12.27
N SER B 184 14.83 6.44 -12.05
CA SER B 184 14.88 7.61 -12.94
C SER B 184 15.49 7.28 -14.29
N LYS B 185 16.31 6.23 -14.37
CA LYS B 185 16.83 5.70 -15.63
C LYS B 185 16.85 4.19 -15.54
N SER B 186 17.09 3.54 -16.67
CA SER B 186 17.01 2.09 -16.74
C SER B 186 18.10 1.46 -15.88
N ILE B 187 17.69 0.57 -14.98
CA ILE B 187 18.60 -0.22 -14.18
C ILE B 187 18.51 -1.70 -14.54
N SER B 188 17.98 -2.00 -15.73
CA SER B 188 17.85 -3.38 -16.17
C SER B 188 17.00 -4.10 -15.14
N LYS B 189 17.43 -5.21 -14.57
CA LYS B 189 16.67 -5.99 -13.60
C LYS B 189 17.23 -5.85 -12.18
N TYR B 190 18.19 -4.94 -11.97
CA TYR B 190 19.00 -4.96 -10.74
C TYR B 190 18.41 -4.03 -9.66
N LEU B 191 17.33 -4.51 -9.05
CA LEU B 191 16.67 -3.88 -7.92
C LEU B 191 16.58 -4.91 -6.79
N ALA B 192 17.00 -4.53 -5.59
CA ALA B 192 16.89 -5.36 -4.39
C ALA B 192 15.85 -4.77 -3.43
N TRP B 193 15.35 -5.61 -2.52
CA TRP B 193 14.39 -5.18 -1.51
C TRP B 193 14.88 -5.62 -0.15
N TYR B 194 14.75 -4.71 0.82
CA TYR B 194 15.18 -4.97 2.19
C TYR B 194 14.02 -4.83 3.15
N GLN B 195 14.04 -5.63 4.20
CA GLN B 195 13.14 -5.51 5.33
C GLN B 195 13.96 -5.06 6.53
N GLU B 196 13.67 -3.88 7.03
CA GLU B 196 14.34 -3.32 8.19
C GLU B 196 13.34 -3.31 9.33
N LYS B 197 13.54 -4.20 10.28
CA LYS B 197 12.73 -4.39 11.47
C LYS B 197 13.48 -3.93 12.71
N PRO B 198 12.80 -3.30 13.66
CA PRO B 198 13.50 -2.82 14.86
C PRO B 198 14.14 -3.99 15.60
N GLY B 199 15.38 -3.79 16.05
CA GLY B 199 16.11 -4.82 16.75
C GLY B 199 16.76 -5.89 15.89
N LYS B 200 16.61 -5.83 14.57
CA LYS B 200 17.25 -6.77 13.67
C LYS B 200 18.10 -6.00 12.66
N THR B 201 19.17 -6.62 12.18
CA THR B 201 19.90 -5.99 11.10
C THR B 201 19.10 -6.07 9.82
N ASN B 202 19.40 -5.16 8.90
CA ASN B 202 18.69 -5.10 7.63
C ASN B 202 18.72 -6.44 6.91
N LYS B 203 17.57 -6.87 6.41
CA LYS B 203 17.41 -8.18 5.79
C LYS B 203 17.16 -8.04 4.30
N LEU B 204 17.99 -8.71 3.50
CA LEU B 204 17.83 -8.75 2.05
C LEU B 204 16.73 -9.73 1.68
N LEU B 205 15.70 -9.23 1.01
CA LEU B 205 14.52 -10.01 0.61
C LEU B 205 14.63 -10.54 -0.80
N ILE B 206 14.94 -9.64 -1.74
CA ILE B 206 14.95 -9.88 -3.17
C ILE B 206 16.15 -9.15 -3.76
N TYR B 207 16.75 -9.74 -4.78
CA TYR B 207 17.75 -9.03 -5.57
C TYR B 207 17.55 -9.36 -7.04
N SER B 208 18.16 -8.55 -7.91
CA SER B 208 18.01 -8.72 -9.35
C SER B 208 16.54 -8.72 -9.74
N GLY B 209 15.76 -7.86 -9.10
CA GLY B 209 14.37 -7.66 -9.49
C GLY B 209 13.37 -8.67 -8.96
N SER B 210 13.70 -9.97 -9.05
CA SER B 210 12.69 -10.98 -8.75
C SER B 210 13.23 -12.26 -8.12
N THR B 211 14.55 -12.44 -7.98
CA THR B 211 15.03 -13.68 -7.40
C THR B 211 14.98 -13.59 -5.88
N LEU B 212 14.28 -14.55 -5.26
CA LEU B 212 14.05 -14.55 -3.83
C LEU B 212 15.31 -14.99 -3.10
N GLN B 213 15.75 -14.15 -2.16
CA GLN B 213 16.92 -14.47 -1.34
C GLN B 213 16.70 -15.77 -0.59
N SER B 214 17.80 -16.50 -0.36
CA SER B 214 17.74 -17.73 0.40
C SER B 214 17.18 -17.47 1.80
N GLY B 215 16.32 -18.37 2.27
CA GLY B 215 15.76 -18.28 3.60
C GLY B 215 14.57 -17.35 3.76
N ILE B 216 14.18 -16.62 2.74
CA ILE B 216 13.02 -15.72 2.78
C ILE B 216 11.80 -16.50 2.31
N PRO B 217 10.66 -16.35 2.97
CA PRO B 217 9.46 -17.08 2.54
C PRO B 217 9.02 -16.71 1.13
N SER B 218 8.42 -17.68 0.43
CA SER B 218 8.01 -17.48 -0.96
C SER B 218 6.86 -16.50 -1.11
N ARG B 219 6.15 -16.17 -0.03
CA ARG B 219 5.11 -15.15 -0.13
C ARG B 219 5.68 -13.76 -0.37
N PHE B 220 6.99 -13.60 -0.24
CA PHE B 220 7.67 -12.41 -0.75
C PHE B 220 8.01 -12.69 -2.21
N SER B 221 7.72 -11.72 -3.08
CA SER B 221 8.12 -11.84 -4.47
C SER B 221 8.29 -10.44 -5.04
N GLY B 222 9.20 -10.32 -6.00
CA GLY B 222 9.45 -9.06 -6.65
C GLY B 222 9.32 -9.16 -8.16
N SER B 223 9.05 -8.04 -8.81
CA SER B 223 8.86 -8.04 -10.24
C SER B 223 9.28 -6.71 -10.83
N GLY B 224 9.53 -6.72 -12.14
CA GLY B 224 9.89 -5.52 -12.84
C GLY B 224 11.24 -5.59 -13.52
N SER B 225 11.47 -4.65 -14.43
CA SER B 225 12.68 -4.54 -15.23
C SER B 225 12.67 -3.17 -15.91
N GLY B 226 13.86 -2.59 -16.06
CA GLY B 226 13.97 -1.25 -16.62
C GLY B 226 13.80 -0.13 -15.61
N THR B 227 12.57 0.34 -15.38
CA THR B 227 12.36 1.38 -14.38
C THR B 227 11.26 1.09 -13.37
N ASP B 228 10.33 0.18 -13.66
CA ASP B 228 9.13 -0.04 -12.83
C ASP B 228 9.20 -1.38 -12.13
N PHE B 229 9.24 -1.36 -10.80
CA PHE B 229 9.41 -2.57 -10.00
C PHE B 229 8.35 -2.61 -8.90
N THR B 230 8.09 -3.83 -8.41
CA THR B 230 7.14 -4.03 -7.31
C THR B 230 7.66 -5.10 -6.36
N LEU B 231 7.34 -4.93 -5.08
CA LEU B 231 7.46 -5.98 -4.07
C LEU B 231 6.06 -6.35 -3.61
N THR B 232 5.74 -7.64 -3.63
CA THR B 232 4.42 -8.12 -3.22
C THR B 232 4.59 -9.04 -2.02
N ILE B 233 3.89 -8.74 -0.93
CA ILE B 233 3.88 -9.59 0.25
C ILE B 233 2.47 -10.12 0.41
N SER B 234 2.30 -11.44 0.30
CA SER B 234 1.00 -12.08 0.46
C SER B 234 0.97 -12.87 1.77
N SER B 235 -0.24 -13.29 2.14
CA SER B 235 -0.49 -13.95 3.43
C SER B 235 0.19 -13.19 4.55
N LEU B 236 -0.09 -11.88 4.61
CA LEU B 236 0.55 -11.01 5.59
C LEU B 236 0.40 -11.60 6.99
N GLU B 237 1.45 -11.50 7.76
CA GLU B 237 1.42 -11.89 9.17
C GLU B 237 1.92 -10.74 10.01
N PRO B 238 1.60 -10.76 11.30
CA PRO B 238 2.08 -9.69 12.18
C PRO B 238 3.59 -9.47 12.16
N GLU B 239 4.42 -10.42 11.66
CA GLU B 239 5.86 -10.19 11.80
C GLU B 239 6.30 -9.13 10.79
N ASP B 240 5.48 -8.92 9.77
CA ASP B 240 5.88 -8.16 8.57
C ASP B 240 5.89 -6.64 8.76
N PHE B 241 5.41 -6.14 9.89
CA PHE B 241 5.57 -4.74 10.19
C PHE B 241 7.05 -4.37 10.19
N ALA B 242 7.42 -3.39 9.37
CA ALA B 242 8.81 -2.98 9.28
C ALA B 242 8.94 -1.79 8.35
N MET B 243 10.17 -1.34 8.17
CA MET B 243 10.52 -0.42 7.10
C MET B 243 10.96 -1.28 5.93
N TYR B 244 10.49 -0.96 4.73
CA TYR B 244 10.92 -1.67 3.55
C TYR B 244 11.62 -0.66 2.64
N TYR B 245 12.69 -1.09 1.99
CA TYR B 245 13.46 -0.22 1.12
C TYR B 245 13.84 -1.00 -0.13
N CYS B 246 13.77 -0.33 -1.28
CA CYS B 246 14.35 -0.89 -2.49
C CYS B 246 15.71 -0.25 -2.74
N GLN B 247 16.54 -0.96 -3.48
CA GLN B 247 17.89 -0.52 -3.74
C GLN B 247 18.27 -1.01 -5.12
N GLN B 248 18.69 -0.10 -6.00
CA GLN B 248 19.26 -0.53 -7.27
C GLN B 248 20.71 -0.98 -7.04
N HIS B 249 21.07 -2.13 -7.59
CA HIS B 249 22.45 -2.59 -7.54
C HIS B 249 22.99 -2.76 -8.96
N ASN B 250 22.61 -1.84 -9.83
CA ASN B 250 23.10 -1.84 -11.20
C ASN B 250 24.34 -0.98 -11.41
N GLU B 251 24.58 0.03 -10.56
CA GLU B 251 25.72 0.91 -10.75
C GLU B 251 25.99 1.69 -9.48
N TYR B 252 27.19 2.18 -9.37
CA TYR B 252 27.56 3.07 -8.28
C TYR B 252 27.31 4.53 -8.69
N PRO B 253 26.91 5.39 -7.72
CA PRO B 253 26.65 5.05 -6.31
C PRO B 253 25.38 4.22 -6.16
N TRP B 254 25.41 3.26 -5.22
CA TRP B 254 24.19 2.60 -4.76
C TRP B 254 23.19 3.68 -4.34
N THR B 255 21.93 3.53 -4.76
CA THR B 255 20.88 4.43 -4.34
C THR B 255 19.64 3.64 -3.92
N PHE B 256 18.90 4.21 -2.97
CA PHE B 256 17.79 3.56 -2.29
C PHE B 256 16.50 4.35 -2.49
N GLY B 257 15.38 3.64 -2.45
CA GLY B 257 14.09 4.29 -2.35
C GLY B 257 13.91 4.93 -0.99
N GLY B 258 12.90 5.80 -0.90
CA GLY B 258 12.67 6.55 0.32
C GLY B 258 12.15 5.71 1.47
N GLY B 259 11.66 4.50 1.20
CA GLY B 259 11.19 3.66 2.29
C GLY B 259 9.68 3.59 2.38
N THR B 260 9.18 2.45 2.86
CA THR B 260 7.78 2.20 3.08
C THR B 260 7.58 1.62 4.47
N LYS B 261 6.64 2.17 5.22
CA LYS B 261 6.30 1.66 6.54
C LYS B 261 5.03 0.82 6.40
N LEU B 262 5.12 -0.44 6.81
CA LEU B 262 4.02 -1.40 6.80
C LEU B 262 3.50 -1.68 8.21
N GLU B 263 2.21 -1.40 8.44
CA GLU B 263 1.51 -1.73 9.68
C GLU B 263 0.43 -2.78 9.41
N ILE B 264 0.15 -3.64 10.40
CA ILE B 264 -0.79 -4.78 10.30
C ILE B 264 -1.87 -4.63 11.36
N LYS B 265 -3.14 -4.83 10.95
CA LYS B 265 -4.32 -4.71 11.81
C LYS B 265 -4.27 -5.72 12.91
N LEU B 266 -4.61 -5.37 14.09
CA LEU B 266 -5.40 -6.53 14.48
C LEU B 266 -6.87 -6.11 14.57
N PRO B 267 -7.85 -6.97 14.25
CA PRO B 267 -9.25 -6.55 14.38
C PRO B 267 -9.60 -6.34 15.84
N GLU B 268 -10.31 -5.24 16.13
CA GLU B 268 -10.60 -4.95 17.53
C GLU B 268 -11.61 -5.91 18.14
N THR B 269 -12.04 -6.90 17.36
CA THR B 269 -12.95 -7.92 17.83
C THR B 269 -12.21 -8.96 18.65
N GLY B 270 -10.93 -9.17 18.35
CA GLY B 270 -10.09 -10.07 19.10
C GLY B 270 -9.21 -9.36 20.12
N HIS B 271 -8.39 -10.16 20.79
CA HIS B 271 -7.52 -9.69 21.85
C HIS B 271 -6.08 -9.61 21.35
N HIS B 272 -5.38 -8.56 21.73
CA HIS B 272 -4.02 -8.38 21.24
C HIS B 272 -3.35 -7.31 22.07
N HIS B 273 -2.14 -6.96 21.65
CA HIS B 273 -1.35 -5.95 22.29
C HIS B 273 -0.98 -4.91 21.24
N HIS B 274 -0.70 -3.70 21.72
CA HIS B 274 -0.25 -2.61 20.89
C HIS B 274 1.06 -2.17 21.52
N HIS B 275 2.13 -2.17 20.73
CA HIS B 275 3.41 -1.71 21.22
C HIS B 275 3.93 -0.64 20.27
N HIS B 276 5.12 -0.12 20.57
CA HIS B 276 5.72 0.95 19.80
C HIS B 276 7.04 0.47 19.21
N TRP B 277 7.37 1.02 18.05
CA TRP B 277 8.69 0.87 17.47
C TRP B 277 8.97 2.16 16.70
N SER B 278 10.23 2.36 16.34
CA SER B 278 10.63 3.59 15.67
C SER B 278 11.76 3.31 14.69
N HIS B 279 12.05 4.34 13.88
CA HIS B 279 13.24 4.35 13.04
C HIS B 279 14.45 4.09 13.93
N PRO B 280 15.53 3.52 13.39
CA PRO B 280 16.66 3.16 14.27
C PRO B 280 17.24 4.36 15.01
N GLN B 281 17.14 5.55 14.41
CA GLN B 281 17.73 6.73 15.04
C GLN B 281 17.09 7.03 16.39
N PHE B 282 15.79 6.74 16.54
CA PHE B 282 15.13 6.95 17.82
C PHE B 282 15.13 5.68 18.68
N GLU B 283 15.33 4.49 18.10
CA GLU B 283 15.49 3.27 18.87
C GLU B 283 16.81 3.21 19.63
N LYS B 284 17.71 4.18 19.44
CA LYS B 284 19.03 4.20 20.09
C LYS B 284 19.19 5.43 20.98
#